data_3WYI
#
_entry.id   3WYI
#
_cell.length_a   62.080
_cell.length_b   62.080
_cell.length_c   133.486
_cell.angle_alpha   90.00
_cell.angle_beta   90.00
_cell.angle_gamma   120.00
#
_symmetry.space_group_name_H-M   'P 31 2 1'
#
loop_
_entity.id
_entity.type
_entity.pdbx_description
1 polymer 'Isoprenyl transferase'
2 non-polymer 'MAGNESIUM ION'
3 water water
#
_entity_poly.entity_id   1
_entity_poly.type   'polypeptide(L)'
_entity_poly.pdbx_seq_one_letter_code
;MFKKLINKKNTINNYNEELDSSNIPEHIAIIMDGNGRWAKKRKMPRIKGHYEGMQTIKKITRIASDIGVKYLTLYAFSTE
NWSRPESEVNYIMNLPVNFLKTFLPELIEKNVKVETIGFTDKLPKSTIEAINNAKEKTANNTGLKLIFAINYGGRAELVH
SIKNMFDELHQQGLNSDIIDETYINNHLMTKDYPDPELLIRTSGEQRISNFLIWQVSYSEFIFNQKLWPDFDEDELIKCI
KIYQSRQRRFGGLSEE
;
_entity_poly.pdbx_strand_id   A
#
# COMPACT_ATOMS: atom_id res chain seq x y z
N GLU A 17 -23.74 -13.64 2.40
CA GLU A 17 -24.81 -12.86 3.11
C GLU A 17 -24.46 -11.38 3.05
N GLU A 18 -24.50 -10.71 4.21
CA GLU A 18 -24.18 -9.30 4.30
C GLU A 18 -22.85 -9.13 5.02
N LEU A 19 -22.31 -7.91 4.99
CA LEU A 19 -21.03 -7.64 5.63
C LEU A 19 -20.98 -8.04 7.10
N ASP A 20 -20.10 -8.99 7.43
CA ASP A 20 -19.93 -9.45 8.80
C ASP A 20 -18.90 -8.55 9.48
N SER A 21 -19.37 -7.63 10.31
CA SER A 21 -18.51 -6.67 11.01
C SER A 21 -17.53 -7.30 11.99
N SER A 22 -17.71 -8.58 12.30
CA SER A 22 -16.82 -9.24 13.25
C SER A 22 -15.73 -10.05 12.55
N ASN A 23 -15.70 -9.98 11.22
CA ASN A 23 -14.67 -10.69 10.45
C ASN A 23 -14.08 -9.76 9.39
N ILE A 24 -13.77 -8.54 9.81
CA ILE A 24 -13.19 -7.55 8.91
C ILE A 24 -11.68 -7.76 8.94
N PRO A 25 -11.05 -7.91 7.77
CA PRO A 25 -9.60 -8.11 7.73
C PRO A 25 -8.86 -7.04 8.51
N GLU A 26 -7.83 -7.44 9.26
CA GLU A 26 -7.07 -6.47 10.01
C GLU A 26 -6.21 -5.65 9.06
N HIS A 27 -5.71 -6.32 8.02
CA HIS A 27 -4.84 -5.65 7.05
C HIS A 27 -5.23 -5.92 5.61
N ILE A 28 -5.54 -4.85 4.88
CA ILE A 28 -5.87 -4.95 3.47
C ILE A 28 -4.79 -4.20 2.69
N ALA A 29 -4.28 -4.83 1.64
CA ALA A 29 -3.25 -4.21 0.81
C ALA A 29 -3.91 -3.97 -0.55
N ILE A 30 -3.67 -2.78 -1.14
CA ILE A 30 -4.27 -2.46 -2.42
C ILE A 30 -3.33 -1.84 -3.45
N ILE A 31 -3.32 -2.40 -4.64
CA ILE A 31 -2.52 -1.88 -5.75
C ILE A 31 -3.52 -1.00 -6.50
N MET A 32 -3.39 0.32 -6.33
CA MET A 32 -4.28 1.30 -6.93
C MET A 32 -4.02 1.54 -8.41
N ASP A 33 -4.42 0.56 -9.22
CA ASP A 33 -4.22 0.58 -10.66
C ASP A 33 -5.39 1.17 -11.43
N GLY A 34 -5.09 1.93 -12.49
CA GLY A 34 -6.15 2.50 -13.31
C GLY A 34 -6.21 4.01 -13.54
N ASN A 35 -5.39 4.78 -12.83
CA ASN A 35 -5.42 6.24 -12.99
C ASN A 35 -5.15 6.67 -14.43
N GLY A 36 -4.11 6.10 -15.05
CA GLY A 36 -3.77 6.47 -16.41
C GLY A 36 -4.83 6.05 -17.40
N ARG A 37 -5.29 4.81 -17.28
CA ARG A 37 -6.31 4.27 -18.17
C ARG A 37 -7.59 5.09 -18.08
N TRP A 38 -7.98 5.44 -16.86
CA TRP A 38 -9.19 6.24 -16.61
C TRP A 38 -9.10 7.57 -17.36
N ALA A 39 -7.95 8.22 -17.25
CA ALA A 39 -7.73 9.50 -17.92
C ALA A 39 -7.75 9.32 -19.43
N LYS A 40 -7.03 8.33 -19.93
CA LYS A 40 -6.97 8.07 -21.37
C LYS A 40 -8.34 7.84 -21.99
N LYS A 41 -9.21 7.12 -21.28
CA LYS A 41 -10.56 6.85 -21.78
C LYS A 41 -11.32 8.15 -22.01
N ARG A 42 -11.01 9.16 -21.20
CA ARG A 42 -11.66 10.46 -21.31
C ARG A 42 -10.82 11.47 -22.08
N LYS A 43 -9.80 10.98 -22.79
CA LYS A 43 -8.93 11.85 -23.57
C LYS A 43 -8.35 13.00 -22.74
N MET A 44 -7.91 12.67 -21.52
CA MET A 44 -7.33 13.66 -20.63
C MET A 44 -5.95 13.16 -20.25
N PRO A 45 -5.05 14.08 -19.87
CA PRO A 45 -3.70 13.65 -19.48
C PRO A 45 -3.82 12.92 -18.14
N ARG A 46 -2.88 12.01 -17.87
CA ARG A 46 -2.88 11.22 -16.65
C ARG A 46 -3.08 12.02 -15.36
N ILE A 47 -2.63 13.26 -15.33
CA ILE A 47 -2.79 14.06 -14.13
C ILE A 47 -4.25 14.13 -13.66
N LYS A 48 -5.19 14.12 -14.60
CA LYS A 48 -6.60 14.16 -14.23
C LYS A 48 -6.98 12.89 -13.45
N GLY A 49 -6.43 11.76 -13.89
CA GLY A 49 -6.69 10.49 -13.22
C GLY A 49 -5.99 10.43 -11.89
N HIS A 50 -4.80 11.04 -11.82
CA HIS A 50 -4.02 11.09 -10.58
C HIS A 50 -4.82 11.83 -9.51
N TYR A 51 -5.46 12.91 -9.91
CA TYR A 51 -6.27 13.70 -8.99
C TYR A 51 -7.47 12.91 -8.48
N GLU A 52 -8.20 12.28 -9.40
CA GLU A 52 -9.37 11.52 -8.99
C GLU A 52 -8.95 10.33 -8.13
N GLY A 53 -7.81 9.74 -8.46
CA GLY A 53 -7.29 8.62 -7.69
C GLY A 53 -7.06 9.05 -6.25
N MET A 54 -6.60 10.30 -6.09
CA MET A 54 -6.36 10.86 -4.77
C MET A 54 -7.68 10.91 -3.97
N GLN A 55 -8.77 11.23 -4.65
CA GLN A 55 -10.07 11.29 -3.99
C GLN A 55 -10.48 9.87 -3.57
N THR A 56 -10.10 8.87 -4.35
CA THR A 56 -10.43 7.51 -4.00
C THR A 56 -9.71 7.12 -2.72
N ILE A 57 -8.45 7.54 -2.59
CA ILE A 57 -7.67 7.24 -1.39
C ILE A 57 -8.39 7.78 -0.15
N LYS A 58 -8.91 9.00 -0.26
CA LYS A 58 -9.63 9.61 0.86
C LYS A 58 -10.87 8.79 1.21
N LYS A 59 -11.64 8.42 0.20
CA LYS A 59 -12.86 7.63 0.43
C LYS A 59 -12.54 6.29 1.08
N ILE A 60 -11.57 5.59 0.51
CA ILE A 60 -11.18 4.27 1.01
C ILE A 60 -10.58 4.31 2.40
N THR A 61 -9.82 5.35 2.69
CA THR A 61 -9.21 5.49 4.00
C THR A 61 -10.30 5.67 5.06
N ARG A 62 -11.27 6.52 4.78
CA ARG A 62 -12.34 6.74 5.75
C ARG A 62 -13.17 5.48 6.01
N ILE A 63 -13.68 4.85 4.95
CA ILE A 63 -14.50 3.65 5.13
C ILE A 63 -13.71 2.51 5.78
N ALA A 64 -12.45 2.35 5.41
CA ALA A 64 -11.63 1.29 6.00
C ALA A 64 -11.58 1.50 7.51
N SER A 65 -11.34 2.74 7.91
CA SER A 65 -11.28 3.10 9.31
C SER A 65 -12.63 2.85 9.97
N ASP A 66 -13.70 3.28 9.32
CA ASP A 66 -15.05 3.12 9.87
C ASP A 66 -15.57 1.69 10.01
N ILE A 67 -14.97 0.73 9.30
CA ILE A 67 -15.42 -0.65 9.41
C ILE A 67 -14.49 -1.51 10.26
N GLY A 68 -13.40 -0.93 10.76
CA GLY A 68 -12.51 -1.70 11.61
C GLY A 68 -11.19 -2.19 11.05
N VAL A 69 -10.85 -1.82 9.81
CA VAL A 69 -9.58 -2.25 9.25
C VAL A 69 -8.49 -1.55 10.07
N LYS A 70 -7.45 -2.29 10.45
CA LYS A 70 -6.38 -1.72 11.27
C LYS A 70 -5.11 -1.31 10.52
N TYR A 71 -4.89 -1.91 9.35
CA TYR A 71 -3.72 -1.59 8.52
C TYR A 71 -4.17 -1.55 7.06
N LEU A 72 -3.76 -0.51 6.35
CA LEU A 72 -4.11 -0.37 4.94
C LEU A 72 -2.85 0.03 4.17
N THR A 73 -2.30 -0.91 3.41
CA THR A 73 -1.10 -0.64 2.63
C THR A 73 -1.50 -0.33 1.19
N LEU A 74 -1.17 0.87 0.72
CA LEU A 74 -1.51 1.29 -0.62
C LEU A 74 -0.29 1.42 -1.52
N TYR A 75 -0.39 0.83 -2.71
CA TYR A 75 0.68 0.86 -3.69
C TYR A 75 0.20 1.54 -4.95
N ALA A 76 0.67 2.77 -5.18
CA ALA A 76 0.28 3.52 -6.37
C ALA A 76 1.06 2.97 -7.56
N PHE A 77 0.32 2.43 -8.53
CA PHE A 77 0.91 1.83 -9.72
C PHE A 77 -0.11 1.89 -10.85
N SER A 78 0.26 2.53 -11.96
CA SER A 78 -0.64 2.64 -13.09
C SER A 78 -0.16 1.81 -14.28
N THR A 79 -0.91 0.76 -14.61
CA THR A 79 -0.54 -0.09 -15.73
C THR A 79 -0.75 0.69 -17.03
N GLU A 80 0.36 1.08 -17.65
CA GLU A 80 0.36 1.81 -18.90
C GLU A 80 0.69 0.78 -19.98
N ASN A 81 1.80 0.09 -19.77
CA ASN A 81 2.27 -0.95 -20.67
C ASN A 81 2.60 -2.18 -19.82
N TRP A 82 1.79 -3.22 -19.97
CA TRP A 82 1.96 -4.46 -19.23
C TRP A 82 3.40 -5.00 -19.16
N SER A 83 4.22 -4.64 -20.15
CA SER A 83 5.60 -5.11 -20.19
C SER A 83 6.67 -4.11 -19.74
N ARG A 84 6.25 -3.09 -19.00
CA ARG A 84 7.20 -2.08 -18.51
C ARG A 84 6.78 -1.50 -17.16
N PRO A 85 6.85 -2.31 -16.09
CA PRO A 85 6.48 -1.89 -14.74
C PRO A 85 7.54 -1.04 -14.04
N GLU A 86 8.78 -1.11 -14.50
CA GLU A 86 9.86 -0.34 -13.88
C GLU A 86 9.60 1.16 -14.00
N SER A 87 8.90 1.56 -15.05
CA SER A 87 8.61 2.97 -15.27
C SER A 87 7.70 3.58 -14.19
N GLU A 88 6.97 2.72 -13.48
CA GLU A 88 6.05 3.16 -12.44
C GLU A 88 6.69 3.28 -11.04
N VAL A 89 7.49 2.28 -10.69
CA VAL A 89 8.14 2.23 -9.37
C VAL A 89 8.63 3.54 -8.78
N ASN A 90 9.43 4.29 -9.52
CA ASN A 90 9.96 5.55 -9.01
C ASN A 90 9.41 6.79 -9.71
N TYR A 91 8.20 6.68 -10.27
CA TYR A 91 7.58 7.79 -10.97
C TYR A 91 6.87 8.74 -10.00
N ILE A 92 7.12 10.03 -10.18
CA ILE A 92 6.56 11.07 -9.32
C ILE A 92 5.05 11.00 -9.06
N MET A 93 4.28 10.65 -10.09
CA MET A 93 2.83 10.57 -9.93
C MET A 93 2.33 9.43 -9.05
N ASN A 94 3.24 8.58 -8.59
CA ASN A 94 2.84 7.50 -7.71
C ASN A 94 3.18 7.87 -6.27
N LEU A 95 3.52 9.14 -6.09
CA LEU A 95 3.83 9.65 -4.75
C LEU A 95 2.54 10.19 -4.16
N PRO A 96 2.36 10.03 -2.84
CA PRO A 96 1.15 10.52 -2.14
C PRO A 96 1.33 11.94 -1.58
N VAL A 97 2.27 12.69 -2.13
CA VAL A 97 2.52 14.04 -1.64
C VAL A 97 1.28 14.93 -1.67
N ASN A 98 0.60 14.96 -2.81
CA ASN A 98 -0.61 15.78 -2.94
C ASN A 98 -1.65 15.33 -1.91
N PHE A 99 -1.82 14.03 -1.78
CA PHE A 99 -2.79 13.49 -0.83
C PHE A 99 -2.50 13.93 0.59
N LEU A 100 -1.26 13.74 1.02
CA LEU A 100 -0.85 14.10 2.38
C LEU A 100 -0.96 15.58 2.70
N LYS A 101 -0.68 16.43 1.73
CA LYS A 101 -0.76 17.87 1.94
C LYS A 101 -2.20 18.38 2.03
N THR A 102 -3.08 17.79 1.24
CA THR A 102 -4.48 18.23 1.24
C THR A 102 -5.39 17.48 2.22
N PHE A 103 -4.94 16.34 2.74
CA PHE A 103 -5.78 15.56 3.64
C PHE A 103 -5.23 15.37 5.05
N LEU A 104 -4.01 15.83 5.31
CA LEU A 104 -3.41 15.67 6.63
C LEU A 104 -4.32 16.06 7.79
N PRO A 105 -4.94 17.25 7.74
CA PRO A 105 -5.83 17.64 8.84
C PRO A 105 -6.87 16.57 9.14
N GLU A 106 -7.47 16.03 8.10
CA GLU A 106 -8.49 14.99 8.26
C GLU A 106 -7.88 13.73 8.86
N LEU A 107 -6.71 13.34 8.38
CA LEU A 107 -6.04 12.15 8.89
C LEU A 107 -5.79 12.29 10.39
N ILE A 108 -5.31 13.46 10.80
CA ILE A 108 -5.04 13.74 12.20
C ILE A 108 -6.31 13.57 13.02
N GLU A 109 -7.37 14.24 12.59
CA GLU A 109 -8.67 14.19 13.27
C GLU A 109 -9.25 12.78 13.32
N LYS A 110 -9.04 12.01 12.25
CA LYS A 110 -9.59 10.66 12.17
C LYS A 110 -8.79 9.62 12.93
N ASN A 111 -7.75 10.05 13.64
CA ASN A 111 -6.92 9.16 14.44
C ASN A 111 -6.18 8.14 13.55
N VAL A 112 -5.85 8.56 12.33
CA VAL A 112 -5.14 7.72 11.37
C VAL A 112 -3.63 7.97 11.51
N LYS A 113 -2.86 6.89 11.53
CA LYS A 113 -1.40 7.00 11.65
C LYS A 113 -0.74 6.73 10.30
N VAL A 114 -0.04 7.72 9.78
CA VAL A 114 0.62 7.58 8.48
C VAL A 114 1.99 6.93 8.60
N GLU A 115 2.27 6.00 7.71
CA GLU A 115 3.56 5.32 7.69
C GLU A 115 3.94 5.00 6.25
N THR A 116 5.19 4.58 6.04
CA THR A 116 5.63 4.24 4.69
C THR A 116 6.61 3.08 4.68
N ILE A 117 6.71 2.43 3.52
CA ILE A 117 7.64 1.35 3.30
C ILE A 117 8.22 1.67 1.93
N GLY A 118 9.45 1.23 1.67
CA GLY A 118 10.06 1.53 0.39
C GLY A 118 11.35 2.31 0.54
N PHE A 119 11.95 2.70 -0.58
CA PHE A 119 13.20 3.45 -0.55
C PHE A 119 12.93 4.93 -0.82
N THR A 120 12.93 5.71 0.24
CA THR A 120 12.64 7.13 0.16
C THR A 120 13.83 8.06 0.34
N ASP A 121 14.97 7.51 0.72
CA ASP A 121 16.17 8.31 0.96
C ASP A 121 16.63 9.21 -0.20
N LYS A 122 16.31 8.83 -1.43
CA LYS A 122 16.74 9.65 -2.57
C LYS A 122 15.65 10.51 -3.21
N LEU A 123 14.54 10.66 -2.51
CA LEU A 123 13.43 11.48 -3.01
C LEU A 123 13.76 12.95 -2.79
N PRO A 124 13.11 13.85 -3.56
CA PRO A 124 13.38 15.28 -3.41
C PRO A 124 13.25 15.72 -1.94
N LYS A 125 14.13 16.62 -1.53
CA LYS A 125 14.16 17.13 -0.16
C LYS A 125 12.77 17.57 0.32
N SER A 126 12.05 18.31 -0.54
CA SER A 126 10.72 18.80 -0.19
C SER A 126 9.71 17.66 -0.07
N THR A 127 9.99 16.55 -0.74
CA THR A 127 9.10 15.39 -0.69
C THR A 127 9.31 14.65 0.62
N ILE A 128 10.57 14.51 1.02
CA ILE A 128 10.90 13.84 2.27
C ILE A 128 10.29 14.61 3.43
N GLU A 129 10.34 15.94 3.35
CA GLU A 129 9.79 16.80 4.38
C GLU A 129 8.27 16.61 4.50
N ALA A 130 7.58 16.62 3.37
CA ALA A 130 6.12 16.44 3.37
C ALA A 130 5.72 15.11 4.00
N ILE A 131 6.47 14.06 3.66
CA ILE A 131 6.19 12.73 4.19
C ILE A 131 6.51 12.67 5.69
N ASN A 132 7.64 13.24 6.09
CA ASN A 132 8.02 13.23 7.50
C ASN A 132 7.07 14.04 8.36
N ASN A 133 6.60 15.17 7.83
CA ASN A 133 5.67 16.00 8.57
C ASN A 133 4.37 15.24 8.79
N ALA A 134 3.95 14.51 7.76
CA ALA A 134 2.72 13.72 7.84
C ALA A 134 2.85 12.67 8.93
N LYS A 135 4.00 11.99 8.95
CA LYS A 135 4.25 10.97 9.96
C LYS A 135 4.30 11.58 11.35
N GLU A 136 5.12 12.61 11.52
CA GLU A 136 5.27 13.28 12.80
C GLU A 136 3.95 13.75 13.38
N LYS A 137 3.14 14.40 12.56
CA LYS A 137 1.85 14.92 13.00
C LYS A 137 0.82 13.84 13.36
N THR A 138 1.07 12.60 12.93
CA THR A 138 0.14 11.51 13.22
C THR A 138 0.81 10.40 14.02
N ALA A 139 2.06 10.62 14.40
CA ALA A 139 2.84 9.63 15.13
C ALA A 139 2.15 9.06 16.37
N ASN A 140 1.33 9.88 17.03
CA ASN A 140 0.64 9.44 18.23
C ASN A 140 -0.75 8.85 18.01
N ASN A 141 -1.25 8.87 16.77
CA ASN A 141 -2.57 8.32 16.53
C ASN A 141 -2.58 6.81 16.73
N THR A 142 -3.70 6.29 17.22
CA THR A 142 -3.82 4.86 17.51
C THR A 142 -4.83 4.10 16.66
N GLY A 143 -5.36 4.75 15.63
CA GLY A 143 -6.33 4.09 14.77
C GLY A 143 -5.68 3.45 13.56
N LEU A 144 -6.39 3.50 12.43
CA LEU A 144 -5.90 2.91 11.19
C LEU A 144 -4.48 3.34 10.82
N LYS A 145 -3.63 2.36 10.50
CA LYS A 145 -2.27 2.65 10.07
C LYS A 145 -2.33 2.76 8.54
N LEU A 146 -2.19 3.97 8.01
CA LEU A 146 -2.22 4.17 6.57
C LEU A 146 -0.78 4.05 6.07
N ILE A 147 -0.47 2.94 5.40
CA ILE A 147 0.89 2.68 4.92
C ILE A 147 1.07 2.84 3.41
N PHE A 148 1.87 3.83 3.02
CA PHE A 148 2.15 4.08 1.61
C PHE A 148 3.46 3.41 1.16
N ALA A 149 3.37 2.55 0.16
CA ALA A 149 4.56 1.89 -0.38
C ALA A 149 5.11 2.84 -1.45
N ILE A 150 6.21 3.50 -1.12
CA ILE A 150 6.82 4.47 -2.03
C ILE A 150 8.15 3.97 -2.59
N ASN A 151 8.30 4.07 -3.91
CA ASN A 151 9.50 3.61 -4.59
C ASN A 151 9.84 2.26 -3.97
N TYR A 152 8.85 1.38 -4.00
CA TYR A 152 8.95 0.07 -3.40
C TYR A 152 8.87 -1.10 -4.38
N GLY A 153 9.56 -2.17 -4.02
CA GLY A 153 9.57 -3.38 -4.81
C GLY A 153 9.88 -4.53 -3.86
N GLY A 154 9.10 -5.60 -3.93
CA GLY A 154 9.32 -6.74 -3.05
C GLY A 154 10.70 -7.36 -3.18
N ARG A 155 11.19 -7.51 -4.41
CA ARG A 155 12.51 -8.08 -4.61
C ARG A 155 13.58 -7.17 -4.00
N ALA A 156 13.48 -5.87 -4.28
CA ALA A 156 14.43 -4.91 -3.75
C ALA A 156 14.39 -4.92 -2.21
N GLU A 157 13.19 -5.05 -1.66
CA GLU A 157 13.03 -5.10 -0.21
C GLU A 157 13.81 -6.29 0.36
N LEU A 158 13.60 -7.46 -0.22
CA LEU A 158 14.28 -8.66 0.22
C LEU A 158 15.79 -8.54 0.07
N VAL A 159 16.25 -8.08 -1.09
CA VAL A 159 17.68 -7.92 -1.33
C VAL A 159 18.28 -7.05 -0.23
N HIS A 160 17.59 -5.96 0.07
CA HIS A 160 18.01 -5.01 1.09
C HIS A 160 18.03 -5.65 2.48
N SER A 161 16.96 -6.38 2.81
CA SER A 161 16.85 -7.03 4.11
C SER A 161 17.91 -8.13 4.26
N ILE A 162 18.22 -8.80 3.15
CA ILE A 162 19.19 -9.87 3.18
C ILE A 162 20.59 -9.31 3.46
N LYS A 163 20.93 -8.20 2.80
CA LYS A 163 22.23 -7.56 3.00
C LYS A 163 22.44 -7.18 4.45
N ASN A 164 21.46 -6.50 5.04
CA ASN A 164 21.56 -6.07 6.42
C ASN A 164 21.69 -7.26 7.37
N MET A 165 20.79 -8.24 7.23
CA MET A 165 20.84 -9.42 8.09
C MET A 165 22.18 -10.13 8.06
N PHE A 166 22.92 -9.96 6.98
CA PHE A 166 24.12 -10.62 6.83
C PHE A 166 25.11 -9.88 7.64
N ASP A 167 25.13 -8.56 7.47
CA ASP A 167 26.06 -7.72 8.21
C ASP A 167 25.74 -7.78 9.70
N GLU A 168 24.46 -7.76 10.02
CA GLU A 168 24.01 -7.81 11.41
C GLU A 168 24.50 -9.11 12.06
N LEU A 169 24.58 -10.18 11.28
CA LEU A 169 25.03 -11.47 11.80
C LEU A 169 26.55 -11.54 11.89
N HIS A 170 27.25 -11.10 10.86
CA HIS A 170 28.70 -11.13 10.85
C HIS A 170 29.24 -10.19 11.93
N GLN A 171 28.68 -8.98 12.00
CA GLN A 171 29.10 -8.00 12.99
C GLN A 171 29.01 -8.63 14.38
N GLN A 172 27.95 -9.39 14.61
CA GLN A 172 27.74 -10.06 15.89
C GLN A 172 28.45 -11.40 15.90
N GLY A 173 29.13 -11.72 14.81
CA GLY A 173 29.85 -12.99 14.71
C GLY A 173 28.95 -14.20 14.91
N LEU A 174 27.99 -14.37 14.02
CA LEU A 174 27.07 -15.51 14.11
C LEU A 174 26.92 -16.21 12.77
N ASN A 175 26.45 -17.45 12.81
CA ASN A 175 26.25 -18.24 11.60
C ASN A 175 24.81 -18.08 11.09
N SER A 176 24.54 -18.64 9.91
CA SER A 176 23.22 -18.54 9.31
C SER A 176 22.15 -19.44 9.94
N ASP A 177 22.51 -20.16 11.00
CA ASP A 177 21.57 -21.06 11.65
C ASP A 177 20.38 -20.36 12.33
N ILE A 178 20.53 -19.08 12.64
CA ILE A 178 19.46 -18.34 13.28
C ILE A 178 18.47 -17.80 12.26
N ILE A 179 18.82 -17.89 10.99
CA ILE A 179 17.97 -17.39 9.92
C ILE A 179 16.84 -18.36 9.59
N ASP A 180 15.62 -17.96 9.93
CA ASP A 180 14.44 -18.77 9.65
C ASP A 180 13.34 -17.85 9.13
N GLU A 181 12.16 -18.42 8.87
CA GLU A 181 11.06 -17.62 8.36
C GLU A 181 10.75 -16.41 9.25
N THR A 182 10.61 -16.66 10.54
CA THR A 182 10.31 -15.59 11.49
C THR A 182 11.38 -14.50 11.46
N TYR A 183 12.64 -14.91 11.39
CA TYR A 183 13.73 -13.96 11.36
C TYR A 183 13.53 -13.00 10.19
N ILE A 184 13.24 -13.55 9.02
CA ILE A 184 13.02 -12.75 7.82
C ILE A 184 11.86 -11.77 7.98
N ASN A 185 10.75 -12.23 8.57
CA ASN A 185 9.60 -11.34 8.76
C ASN A 185 10.01 -10.12 9.58
N ASN A 186 10.79 -10.35 10.61
CA ASN A 186 11.24 -9.27 11.48
C ASN A 186 12.30 -8.36 10.89
N HIS A 187 12.76 -8.66 9.68
CA HIS A 187 13.78 -7.83 9.05
C HIS A 187 13.33 -7.21 7.74
N LEU A 188 12.03 -7.34 7.45
CA LEU A 188 11.47 -6.75 6.24
C LEU A 188 11.00 -5.36 6.64
N MET A 189 10.69 -4.53 5.67
CA MET A 189 10.22 -3.18 5.96
C MET A 189 8.85 -3.24 6.64
N THR A 190 8.20 -4.39 6.53
CA THR A 190 6.87 -4.61 7.10
C THR A 190 6.90 -5.35 8.44
N LYS A 191 8.07 -5.39 9.09
CA LYS A 191 8.20 -6.09 10.36
C LYS A 191 7.19 -5.73 11.46
N ASP A 192 6.68 -4.51 11.43
CA ASP A 192 5.73 -4.09 12.47
C ASP A 192 4.26 -4.38 12.13
N TYR A 193 4.01 -4.95 10.96
CA TYR A 193 2.63 -5.22 10.55
C TYR A 193 2.36 -6.68 10.24
N PRO A 194 1.13 -7.14 10.51
CA PRO A 194 0.83 -8.54 10.21
C PRO A 194 0.64 -8.61 8.70
N ASP A 195 0.85 -9.78 8.09
CA ASP A 195 0.67 -9.90 6.65
C ASP A 195 -0.79 -9.62 6.30
N PRO A 196 -1.04 -9.05 5.10
CA PRO A 196 -2.42 -8.77 4.74
C PRO A 196 -3.24 -10.02 4.47
N GLU A 197 -4.46 -10.07 4.99
CA GLU A 197 -5.31 -11.22 4.76
C GLU A 197 -5.87 -11.11 3.35
N LEU A 198 -5.96 -9.87 2.87
CA LEU A 198 -6.52 -9.60 1.55
C LEU A 198 -5.71 -8.60 0.72
N LEU A 199 -5.49 -8.95 -0.54
CA LEU A 199 -4.77 -8.11 -1.47
C LEU A 199 -5.73 -7.78 -2.60
N ILE A 200 -5.94 -6.50 -2.85
CA ILE A 200 -6.84 -6.08 -3.91
C ILE A 200 -6.10 -5.32 -4.99
N ARG A 201 -6.45 -5.55 -6.24
CA ARG A 201 -5.86 -4.81 -7.35
C ARG A 201 -6.98 -4.44 -8.28
N THR A 202 -7.06 -3.16 -8.60
CA THR A 202 -8.10 -2.65 -9.48
C THR A 202 -7.66 -2.64 -10.94
N SER A 203 -8.60 -2.27 -11.81
CA SER A 203 -8.43 -2.15 -13.26
C SER A 203 -8.61 -3.44 -14.05
N GLY A 204 -8.56 -4.59 -13.37
CA GLY A 204 -8.74 -5.85 -14.06
C GLY A 204 -7.44 -6.56 -14.41
N GLU A 205 -6.32 -5.90 -14.20
CA GLU A 205 -5.02 -6.52 -14.49
C GLU A 205 -4.76 -7.49 -13.34
N GLN A 206 -4.35 -8.70 -13.66
CA GLN A 206 -4.12 -9.70 -12.62
C GLN A 206 -2.67 -10.12 -12.41
N ARG A 207 -1.94 -9.28 -11.69
CA ARG A 207 -0.54 -9.52 -11.36
C ARG A 207 -0.33 -8.83 -10.00
N ILE A 208 0.75 -9.16 -9.30
CA ILE A 208 1.01 -8.48 -8.04
C ILE A 208 2.15 -7.49 -8.28
N SER A 209 2.67 -7.52 -9.49
CA SER A 209 3.74 -6.63 -9.93
C SER A 209 4.79 -6.30 -8.87
N ASN A 210 5.42 -7.34 -8.33
CA ASN A 210 6.48 -7.19 -7.34
C ASN A 210 6.08 -6.40 -6.09
N PHE A 211 4.83 -6.55 -5.68
CA PHE A 211 4.35 -5.84 -4.49
C PHE A 211 4.15 -6.84 -3.34
N LEU A 212 4.84 -6.61 -2.23
CA LEU A 212 4.72 -7.49 -1.05
C LEU A 212 4.76 -8.98 -1.41
N ILE A 213 5.69 -9.37 -2.28
CA ILE A 213 5.75 -10.76 -2.70
C ILE A 213 5.90 -11.76 -1.57
N TRP A 214 6.68 -11.42 -0.56
CA TRP A 214 6.84 -12.32 0.58
C TRP A 214 5.61 -12.27 1.46
N GLN A 215 5.16 -11.05 1.77
CA GLN A 215 4.02 -10.83 2.64
C GLN A 215 2.66 -11.39 2.18
N VAL A 216 2.46 -11.52 0.87
CA VAL A 216 1.19 -12.06 0.38
C VAL A 216 1.22 -13.55 0.10
N SER A 217 2.16 -14.26 0.73
CA SER A 217 2.28 -15.70 0.54
C SER A 217 0.98 -16.46 0.78
N TYR A 218 0.17 -15.99 1.71
CA TYR A 218 -1.08 -16.68 2.03
C TYR A 218 -2.31 -15.81 1.88
N SER A 219 -2.13 -14.59 1.38
CA SER A 219 -3.23 -13.65 1.21
C SER A 219 -4.25 -14.12 0.18
N GLU A 220 -5.50 -13.68 0.36
CA GLU A 220 -6.55 -13.98 -0.59
C GLU A 220 -6.44 -12.85 -1.62
N PHE A 221 -6.55 -13.18 -2.91
CA PHE A 221 -6.43 -12.15 -3.95
C PHE A 221 -7.78 -11.80 -4.57
N ILE A 222 -8.00 -10.51 -4.79
CA ILE A 222 -9.22 -10.06 -5.44
C ILE A 222 -8.82 -9.08 -6.53
N PHE A 223 -9.13 -9.43 -7.77
CA PHE A 223 -8.83 -8.56 -8.90
C PHE A 223 -10.13 -7.89 -9.30
N ASN A 224 -10.31 -6.67 -8.81
CA ASN A 224 -11.51 -5.89 -9.06
C ASN A 224 -11.41 -5.20 -10.43
N GLN A 225 -12.49 -5.28 -11.21
CA GLN A 225 -12.51 -4.72 -12.56
C GLN A 225 -12.54 -3.19 -12.67
N LYS A 226 -13.02 -2.50 -11.65
CA LYS A 226 -13.08 -1.05 -11.72
C LYS A 226 -11.72 -0.36 -11.65
N LEU A 227 -11.59 0.74 -12.40
CA LEU A 227 -10.37 1.52 -12.39
C LEU A 227 -10.31 2.24 -11.05
N TRP A 228 -9.12 2.35 -10.47
CA TRP A 228 -8.96 3.00 -9.17
C TRP A 228 -9.81 4.27 -9.01
N PRO A 229 -9.81 5.18 -10.01
CA PRO A 229 -10.61 6.41 -9.87
C PRO A 229 -12.11 6.16 -9.69
N ASP A 230 -12.60 5.02 -10.17
CA ASP A 230 -14.02 4.68 -10.05
C ASP A 230 -14.29 3.78 -8.85
N PHE A 231 -13.25 3.19 -8.29
CA PHE A 231 -13.37 2.31 -7.12
C PHE A 231 -13.88 3.18 -5.98
N ASP A 232 -14.79 2.65 -5.15
CA ASP A 232 -15.34 3.44 -4.06
C ASP A 232 -15.66 2.62 -2.81
N GLU A 233 -16.26 3.25 -1.82
CA GLU A 233 -16.60 2.57 -0.56
C GLU A 233 -17.49 1.35 -0.83
N ASP A 234 -18.47 1.49 -1.71
CA ASP A 234 -19.36 0.39 -2.03
C ASP A 234 -18.57 -0.80 -2.57
N GLU A 235 -17.67 -0.52 -3.52
CA GLU A 235 -16.87 -1.58 -4.11
C GLU A 235 -15.97 -2.24 -3.07
N LEU A 236 -15.39 -1.45 -2.17
CA LEU A 236 -14.53 -2.03 -1.14
C LEU A 236 -15.34 -3.04 -0.33
N ILE A 237 -16.51 -2.61 0.15
CA ILE A 237 -17.36 -3.51 0.94
C ILE A 237 -17.63 -4.80 0.16
N LYS A 238 -17.93 -4.68 -1.13
CA LYS A 238 -18.18 -5.84 -1.97
C LYS A 238 -16.98 -6.77 -2.00
N CYS A 239 -15.78 -6.20 -2.07
CA CYS A 239 -14.57 -7.03 -2.09
C CYS A 239 -14.47 -7.79 -0.76
N ILE A 240 -14.70 -7.10 0.34
CA ILE A 240 -14.63 -7.77 1.64
C ILE A 240 -15.71 -8.84 1.74
N LYS A 241 -16.87 -8.59 1.16
CA LYS A 241 -17.95 -9.59 1.19
C LYS A 241 -17.50 -10.83 0.43
N ILE A 242 -16.86 -10.63 -0.72
CA ILE A 242 -16.35 -11.73 -1.52
C ILE A 242 -15.35 -12.52 -0.68
N TYR A 243 -14.47 -11.78 -0.01
CA TYR A 243 -13.45 -12.33 0.85
C TYR A 243 -14.10 -13.23 1.91
N GLN A 244 -15.15 -12.72 2.54
CA GLN A 244 -15.85 -13.47 3.57
C GLN A 244 -16.63 -14.68 3.02
N SER A 245 -17.15 -14.58 1.81
CA SER A 245 -17.91 -15.69 1.23
C SER A 245 -16.97 -16.85 0.86
N ARG A 246 -15.84 -16.52 0.25
CA ARG A 246 -14.87 -17.55 -0.12
C ARG A 246 -14.35 -18.24 1.13
N GLN A 247 -14.79 -17.75 2.28
CA GLN A 247 -14.37 -18.28 3.59
C GLN A 247 -12.97 -17.83 3.89
#